data_7E49
#
_entry.id   7E49
#
_cell.length_a   67.756
_cell.length_b   68.016
_cell.length_c   88.294
_cell.angle_alpha   90.000
_cell.angle_beta   90.000
_cell.angle_gamma   90.000
#
_symmetry.space_group_name_H-M   'P 21 21 21'
#
loop_
_entity.id
_entity.type
_entity.pdbx_description
1 polymer 'Macrophage migration inhibitory factor'
2 non-polymer 'CHLORIDE ION'
3 non-polymer 3,5,7-TRIHYDROXY-2-(3,4,5-TRIHYDROXYPHENYL)-4H-CHROMEN-4-ONE
4 water water
#
_entity_poly.entity_id   1
_entity_poly.type   'polypeptide(L)'
_entity_poly.pdbx_seq_one_letter_code
;PMFIVNTNVPRASVPDGFLSELTQQLAQATGKPPQYIAVHVVPDQLMAFGGSSEPCALCSLHSIGKIGGAQNRSYSKLLC
GLLAERLRISPDRVYINYYDMNAANVGWNNSTFA
;
_entity_poly.pdbx_strand_id   A,B,C
#
loop_
_chem_comp.id
_chem_comp.type
_chem_comp.name
_chem_comp.formula
CL non-polymer 'CHLORIDE ION' 'Cl -1'
MYC non-polymer 3,5,7-TRIHYDROXY-2-(3,4,5-TRIHYDROXYPHENYL)-4H-CHROMEN-4-ONE 'C15 H10 O8'
#
# COMPACT_ATOMS: atom_id res chain seq x y z
N PRO A 1 14.41 3.20 4.99
CA PRO A 1 13.82 2.48 3.86
C PRO A 1 12.74 1.52 4.30
N MET A 2 11.86 1.11 3.39
CA MET A 2 10.68 0.36 3.78
C MET A 2 10.38 -0.73 2.76
N PHE A 3 10.23 -1.96 3.22
CA PHE A 3 9.90 -3.09 2.36
C PHE A 3 8.64 -3.77 2.88
N ILE A 4 7.66 -3.93 1.99
CA ILE A 4 6.40 -4.57 2.32
C ILE A 4 6.23 -5.77 1.42
N VAL A 5 5.83 -6.90 1.99
CA VAL A 5 5.49 -8.07 1.21
C VAL A 5 4.11 -8.55 1.66
N ASN A 6 3.19 -8.63 0.70
CA ASN A 6 1.86 -9.19 0.89
C ASN A 6 1.82 -10.55 0.20
N THR A 7 1.35 -11.58 0.91
CA THR A 7 1.35 -12.92 0.35
C THR A 7 0.13 -13.70 0.85
N ASN A 8 -0.28 -14.69 0.05
CA ASN A 8 -1.33 -15.61 0.46
C ASN A 8 -0.79 -16.77 1.28
N VAL A 9 0.53 -16.87 1.40
CA VAL A 9 1.16 -17.91 2.23
C VAL A 9 0.73 -17.73 3.68
N PRO A 10 0.36 -18.80 4.39
CA PRO A 10 -0.15 -18.63 5.76
C PRO A 10 0.94 -18.22 6.75
N ARG A 11 0.50 -17.54 7.82
CA ARG A 11 1.44 -17.01 8.80
C ARG A 11 2.32 -18.11 9.38
N ALA A 12 1.75 -19.30 9.58
CA ALA A 12 2.52 -20.42 10.09
C ALA A 12 3.65 -20.82 9.14
N SER A 13 3.57 -20.42 7.88
CA SER A 13 4.59 -20.75 6.90
C SER A 13 5.63 -19.65 6.73
N VAL A 14 5.54 -18.59 7.53
CA VAL A 14 6.62 -17.59 7.60
C VAL A 14 7.59 -18.04 8.68
N PRO A 15 8.85 -18.35 8.36
CA PRO A 15 9.75 -18.91 9.37
C PRO A 15 10.15 -17.86 10.40
N ASP A 16 10.54 -18.35 11.57
CA ASP A 16 11.16 -17.51 12.57
C ASP A 16 12.34 -16.76 11.98
N GLY A 17 12.49 -15.50 12.37
CA GLY A 17 13.61 -14.69 11.91
C GLY A 17 13.45 -14.11 10.52
N PHE A 18 12.27 -14.21 9.92
CA PHE A 18 12.10 -13.69 8.57
C PHE A 18 12.24 -12.18 8.53
N LEU A 19 11.60 -11.48 9.48
CA LEU A 19 11.73 -10.02 9.54
C LEU A 19 13.18 -9.61 9.78
N SER A 20 13.89 -10.35 10.62
CA SER A 20 15.29 -10.02 10.90
C SER A 20 16.16 -10.23 9.67
N GLU A 21 15.99 -11.37 8.98
CA GLU A 21 16.76 -11.63 7.78
C GLU A 21 16.52 -10.57 6.71
N LEU A 22 15.27 -10.17 6.52
CA LEU A 22 14.94 -9.11 5.58
C LEU A 22 15.65 -7.80 5.95
N THR A 23 15.66 -7.48 7.24
CA THR A 23 16.26 -6.24 7.70
C THR A 23 17.74 -6.18 7.34
N GLN A 24 18.48 -7.26 7.62
CA GLN A 24 19.91 -7.25 7.34
C GLN A 24 20.20 -7.24 5.84
N GLN A 25 19.48 -8.07 5.09
CA GLN A 25 19.79 -8.18 3.67
C GLN A 25 19.43 -6.90 2.91
N LEU A 26 18.39 -6.20 3.34
CA LEU A 26 18.03 -4.93 2.71
C LEU A 26 18.97 -3.80 3.11
N ALA A 27 19.42 -3.80 4.38
CA ALA A 27 20.40 -2.81 4.81
C ALA A 27 21.68 -2.96 4.00
N GLN A 28 22.13 -4.20 3.81
CA GLN A 28 23.33 -4.44 3.02
C GLN A 28 23.12 -4.09 1.56
N ALA A 29 21.95 -4.42 1.01
CA ALA A 29 21.68 -4.15 -0.39
C ALA A 29 21.54 -2.66 -0.65
N THR A 30 20.79 -1.95 0.19
CA THR A 30 20.60 -0.52 -0.01
C THR A 30 21.73 0.32 0.53
N GLY A 31 22.56 -0.20 1.43
CA GLY A 31 23.54 0.63 2.08
C GLY A 31 22.97 1.60 3.09
N LYS A 32 21.68 1.51 3.37
CA LYS A 32 21.02 2.37 4.34
C LYS A 32 21.22 1.82 5.75
N PRO A 33 21.14 2.68 6.78
CA PRO A 33 21.38 2.22 8.16
C PRO A 33 20.47 1.06 8.53
N PRO A 34 21.04 -0.03 9.06
CA PRO A 34 20.22 -1.19 9.43
C PRO A 34 19.18 -0.86 10.48
N GLN A 35 19.54 -0.03 11.46
CA GLN A 35 18.61 0.38 12.50
C GLN A 35 17.44 1.20 11.96
N TYR A 36 17.44 1.52 10.67
CA TYR A 36 16.41 2.35 10.07
C TYR A 36 15.58 1.62 9.00
N ILE A 37 15.90 0.36 8.72
CA ILE A 37 15.11 -0.43 7.77
C ILE A 37 13.80 -0.83 8.42
N ALA A 38 12.69 -0.54 7.75
CA ALA A 38 11.37 -1.00 8.17
C ALA A 38 10.93 -2.10 7.23
N VAL A 39 10.42 -3.19 7.81
CA VAL A 39 9.98 -4.36 7.05
C VAL A 39 8.59 -4.74 7.55
N HIS A 40 7.74 -5.16 6.62
CA HIS A 40 6.34 -5.44 6.92
C HIS A 40 5.90 -6.62 6.08
N VAL A 41 5.52 -7.72 6.74
CA VAL A 41 5.11 -8.95 6.08
C VAL A 41 3.63 -9.17 6.38
N VAL A 42 2.82 -9.33 5.34
CA VAL A 42 1.39 -9.54 5.51
C VAL A 42 0.99 -10.89 4.94
N PRO A 43 0.93 -11.94 5.77
CA PRO A 43 0.54 -13.27 5.27
C PRO A 43 -0.97 -13.48 5.24
N ASP A 44 -1.40 -14.64 4.73
CA ASP A 44 -2.80 -15.07 4.75
C ASP A 44 -3.72 -14.15 3.94
N GLN A 45 -3.21 -13.59 2.85
CA GLN A 45 -4.00 -12.63 2.09
C GLN A 45 -4.82 -13.32 1.02
N LEU A 46 -5.96 -12.69 0.67
CA LEU A 46 -6.81 -13.14 -0.42
C LEU A 46 -6.28 -12.50 -1.69
N MET A 47 -5.43 -13.22 -2.41
CA MET A 47 -4.80 -12.68 -3.60
C MET A 47 -4.68 -13.75 -4.67
N ALA A 48 -4.57 -13.31 -5.91
CA ALA A 48 -4.32 -14.18 -7.03
C ALA A 48 -3.27 -13.53 -7.94
N PHE A 49 -2.46 -14.39 -8.55
CA PHE A 49 -1.43 -13.97 -9.50
C PHE A 49 -1.71 -14.72 -10.80
N GLY A 50 -2.09 -13.99 -11.84
CA GLY A 50 -2.49 -14.62 -13.08
C GLY A 50 -3.74 -15.48 -12.95
N GLY A 51 -4.65 -15.11 -12.05
CA GLY A 51 -5.86 -15.87 -11.83
C GLY A 51 -5.72 -17.09 -10.93
N SER A 52 -4.51 -17.44 -10.52
CA SER A 52 -4.26 -18.61 -9.69
C SER A 52 -3.94 -18.18 -8.25
N SER A 53 -4.43 -18.97 -7.29
CA SER A 53 -4.16 -18.70 -5.88
C SER A 53 -3.02 -19.56 -5.33
N GLU A 54 -2.17 -20.06 -6.23
CA GLU A 54 -0.89 -20.63 -5.85
C GLU A 54 -0.08 -19.57 -5.10
N PRO A 55 0.87 -19.97 -4.24
CA PRO A 55 1.66 -18.99 -3.50
C PRO A 55 2.23 -17.89 -4.39
N CYS A 56 1.99 -16.65 -3.98
CA CYS A 56 2.45 -15.49 -4.70
C CYS A 56 2.74 -14.37 -3.69
N ALA A 57 3.38 -13.32 -4.18
CA ALA A 57 3.73 -12.20 -3.33
C ALA A 57 3.69 -10.91 -4.13
N LEU A 58 3.14 -9.87 -3.53
CA LEU A 58 3.18 -8.53 -4.07
C LEU A 58 3.89 -7.64 -3.08
N CYS A 59 4.93 -6.94 -3.53
CA CYS A 59 5.87 -6.26 -2.66
C CYS A 59 6.13 -4.83 -3.14
N SER A 60 6.69 -4.03 -2.24
CA SER A 60 7.14 -2.69 -2.55
C SER A 60 8.39 -2.39 -1.76
N LEU A 61 9.32 -1.66 -2.39
CA LEU A 61 10.49 -1.13 -1.70
C LEU A 61 10.56 0.36 -1.96
N HIS A 62 10.48 1.15 -0.88
CA HIS A 62 10.62 2.60 -0.92
C HIS A 62 11.96 2.97 -0.31
N SER A 63 12.72 3.81 -1.02
CA SER A 63 14.01 4.26 -0.55
C SER A 63 14.31 5.64 -1.10
N ILE A 64 14.95 6.47 -0.30
CA ILE A 64 15.45 7.76 -0.75
C ILE A 64 16.76 7.50 -1.49
N GLY A 65 16.68 7.45 -2.81
CA GLY A 65 17.82 7.05 -3.61
C GLY A 65 18.07 5.56 -3.55
N LYS A 66 19.17 5.15 -4.17
CA LYS A 66 19.54 3.73 -4.29
C LYS A 66 18.49 2.94 -5.06
N ILE A 67 17.83 3.61 -6.00
CA ILE A 67 16.85 3.00 -6.89
C ILE A 67 17.30 3.29 -8.32
N GLY A 68 17.29 2.26 -9.16
CA GLY A 68 17.71 2.44 -10.54
C GLY A 68 17.69 1.12 -11.26
N GLY A 69 17.94 1.19 -12.57
CA GLY A 69 17.88 0.02 -13.44
C GLY A 69 18.66 -1.16 -12.91
N ALA A 70 19.96 -0.99 -12.73
CA ALA A 70 20.79 -2.10 -12.27
C ALA A 70 20.50 -2.46 -10.81
N GLN A 71 20.33 -1.45 -9.95
CA GLN A 71 20.12 -1.75 -8.54
C GLN A 71 18.81 -2.49 -8.33
N ASN A 72 17.76 -2.12 -9.06
CA ASN A 72 16.48 -2.81 -8.91
C ASN A 72 16.56 -4.24 -9.40
N ARG A 73 17.33 -4.49 -10.47
CA ARG A 73 17.55 -5.87 -10.91
C ARG A 73 18.20 -6.70 -9.81
N SER A 74 19.17 -6.12 -9.11
CA SER A 74 19.83 -6.83 -8.01
C SER A 74 18.90 -7.02 -6.82
N TYR A 75 18.10 -6.00 -6.49
CA TYR A 75 17.12 -6.16 -5.41
C TYR A 75 16.14 -7.28 -5.74
N SER A 76 15.70 -7.37 -6.99
CA SER A 76 14.68 -8.36 -7.33
C SER A 76 15.24 -9.77 -7.21
N LYS A 77 16.49 -9.99 -7.64
CA LYS A 77 17.10 -11.29 -7.47
C LYS A 77 17.23 -11.61 -5.99
N LEU A 78 17.65 -10.63 -5.19
CA LEU A 78 17.81 -10.84 -3.76
C LEU A 78 16.48 -11.17 -3.10
N LEU A 79 15.46 -10.36 -3.38
CA LEU A 79 14.20 -10.51 -2.68
C LEU A 79 13.44 -11.74 -3.16
N CYS A 80 13.41 -11.99 -4.48
CA CYS A 80 12.79 -13.21 -4.98
C CYS A 80 13.48 -14.44 -4.41
N GLY A 81 14.80 -14.40 -4.31
CA GLY A 81 15.53 -15.50 -3.70
C GLY A 81 15.11 -15.77 -2.27
N LEU A 82 14.89 -14.69 -1.50
CA LEU A 82 14.45 -14.88 -0.12
C LEU A 82 13.03 -15.42 -0.06
N LEU A 83 12.13 -14.90 -0.89
CA LEU A 83 10.76 -15.39 -0.89
C LEU A 83 10.68 -16.84 -1.35
N ALA A 84 11.53 -17.21 -2.31
CA ALA A 84 11.56 -18.61 -2.74
C ALA A 84 12.12 -19.51 -1.64
N GLU A 85 13.20 -19.06 -0.99
CA GLU A 85 13.85 -19.91 0.00
C GLU A 85 13.04 -20.03 1.28
N ARG A 86 12.47 -18.93 1.77
CA ARG A 86 11.79 -18.94 3.07
C ARG A 86 10.29 -19.19 2.96
N LEU A 87 9.63 -18.64 1.95
CA LEU A 87 8.19 -18.77 1.82
C LEU A 87 7.77 -19.73 0.70
N ARG A 88 8.72 -20.27 -0.05
CA ARG A 88 8.43 -21.21 -1.14
C ARG A 88 7.52 -20.59 -2.20
N ILE A 89 7.74 -19.32 -2.49
CA ILE A 89 7.03 -18.61 -3.54
C ILE A 89 7.92 -18.59 -4.79
N SER A 90 7.36 -19.02 -5.92
CA SER A 90 8.10 -18.98 -7.17
C SER A 90 8.41 -17.54 -7.56
N PRO A 91 9.63 -17.23 -8.02
CA PRO A 91 9.94 -15.85 -8.41
C PRO A 91 9.04 -15.30 -9.49
N ASP A 92 8.51 -16.13 -10.39
CA ASP A 92 7.62 -15.63 -11.43
C ASP A 92 6.20 -15.38 -10.91
N ARG A 93 5.97 -15.52 -9.61
CA ARG A 93 4.72 -15.13 -8.98
C ARG A 93 4.96 -14.07 -7.92
N VAL A 94 5.97 -13.22 -8.15
CA VAL A 94 6.32 -12.11 -7.28
C VAL A 94 6.38 -10.83 -8.11
N TYR A 95 5.72 -9.78 -7.64
CA TYR A 95 5.92 -8.43 -8.15
C TYR A 95 6.49 -7.58 -7.03
N ILE A 96 7.48 -6.76 -7.36
CA ILE A 96 8.05 -5.79 -6.43
C ILE A 96 8.07 -4.43 -7.11
N ASN A 97 7.31 -3.49 -6.55
CA ASN A 97 7.29 -2.13 -7.07
C ASN A 97 8.35 -1.31 -6.33
N TYR A 98 9.18 -0.61 -7.08
CA TYR A 98 10.26 0.16 -6.52
C TYR A 98 9.91 1.64 -6.57
N TYR A 99 10.23 2.37 -5.50
CA TYR A 99 9.92 3.78 -5.38
C TYR A 99 11.15 4.53 -4.90
N ASP A 100 11.65 5.42 -5.74
CA ASP A 100 12.73 6.35 -5.37
C ASP A 100 12.07 7.59 -4.77
N MET A 101 12.14 7.71 -3.45
CA MET A 101 11.41 8.78 -2.77
C MET A 101 12.28 10.02 -2.64
N ASN A 102 11.63 11.19 -2.82
CA ASN A 102 12.28 12.44 -2.49
C ASN A 102 12.31 12.60 -0.98
N ALA A 103 13.42 13.14 -0.46
CA ALA A 103 13.58 13.26 0.98
C ALA A 103 12.44 14.07 1.61
N ALA A 104 11.92 15.07 0.89
CA ALA A 104 10.81 15.88 1.39
C ALA A 104 9.52 15.10 1.53
N ASN A 105 9.42 13.94 0.89
CA ASN A 105 8.20 13.15 0.87
C ASN A 105 8.27 11.92 1.78
N VAL A 106 9.28 11.84 2.65
CA VAL A 106 9.36 10.77 3.63
C VAL A 106 9.36 11.42 5.00
N GLY A 107 8.29 11.20 5.75
CA GLY A 107 8.21 11.71 7.11
C GLY A 107 8.78 10.74 8.12
N TRP A 108 9.37 11.30 9.17
CA TRP A 108 9.96 10.51 10.24
C TRP A 108 10.27 11.40 11.44
N ASN A 109 9.87 10.96 12.63
CA ASN A 109 10.27 11.64 13.86
C ASN A 109 9.90 13.13 13.82
N ASN A 110 8.63 13.38 13.53
CA ASN A 110 7.99 14.69 13.53
C ASN A 110 8.47 15.62 12.41
N SER A 111 9.21 15.13 11.43
CA SER A 111 9.68 15.97 10.34
C SER A 111 9.82 15.11 9.10
N THR A 112 10.63 15.56 8.14
CA THR A 112 10.96 14.80 6.95
C THR A 112 12.48 14.76 6.79
N PHE A 113 12.96 13.95 5.85
CA PHE A 113 14.40 13.84 5.70
C PHE A 113 15.01 14.98 4.88
N ALA A 114 14.18 15.85 4.31
CA ALA A 114 14.67 16.94 3.45
C ALA A 114 15.59 17.91 4.18
N PRO B 1 0.31 -6.05 -14.40
CA PRO B 1 -0.41 -5.06 -13.60
C PRO B 1 -0.87 -5.61 -12.25
N MET B 2 -1.19 -4.71 -11.33
CA MET B 2 -1.50 -5.10 -9.96
C MET B 2 -2.67 -4.25 -9.49
N PHE B 3 -3.73 -4.91 -9.02
CA PHE B 3 -4.90 -4.21 -8.51
C PHE B 3 -5.17 -4.65 -7.08
N ILE B 4 -5.27 -3.68 -6.18
CA ILE B 4 -5.49 -3.93 -4.75
C ILE B 4 -6.76 -3.21 -4.34
N VAL B 5 -7.63 -3.88 -3.60
CA VAL B 5 -8.82 -3.24 -3.05
C VAL B 5 -8.87 -3.52 -1.55
N ASN B 6 -8.92 -2.44 -0.76
CA ASN B 6 -9.10 -2.52 0.67
C ASN B 6 -10.51 -2.05 1.00
N THR B 7 -11.23 -2.84 1.78
CA THR B 7 -12.61 -2.51 2.09
C THR B 7 -12.95 -2.95 3.50
N ASN B 8 -13.91 -2.26 4.10
CA ASN B 8 -14.46 -2.65 5.39
C ASN B 8 -15.58 -3.69 5.26
N VAL B 9 -15.96 -4.02 4.04
CA VAL B 9 -16.97 -5.05 3.75
C VAL B 9 -16.48 -6.38 4.31
N PRO B 10 -17.34 -7.18 4.95
CA PRO B 10 -16.87 -8.45 5.52
C PRO B 10 -16.49 -9.46 4.46
N ARG B 11 -15.57 -10.36 4.84
CA ARG B 11 -15.05 -11.36 3.90
C ARG B 11 -16.18 -12.18 3.29
N ALA B 12 -17.20 -12.53 4.09
CA ALA B 12 -18.30 -13.32 3.57
C ALA B 12 -19.07 -12.59 2.48
N SER B 13 -19.03 -11.26 2.46
CA SER B 13 -19.74 -10.50 1.44
C SER B 13 -18.97 -10.41 0.13
N VAL B 14 -17.71 -10.82 0.12
CA VAL B 14 -16.94 -10.90 -1.12
C VAL B 14 -17.39 -12.19 -1.81
N PRO B 15 -17.98 -12.14 -3.00
CA PRO B 15 -18.51 -13.36 -3.59
C PRO B 15 -17.39 -14.26 -4.07
N ASP B 16 -17.67 -15.56 -4.05
CA ASP B 16 -16.77 -16.51 -4.67
C ASP B 16 -16.56 -16.15 -6.13
N GLY B 17 -15.33 -16.31 -6.61
CA GLY B 17 -15.01 -15.98 -7.99
C GLY B 17 -14.78 -14.51 -8.24
N PHE B 18 -14.73 -13.69 -7.19
CA PHE B 18 -14.50 -12.26 -7.36
C PHE B 18 -13.09 -11.98 -7.86
N LEU B 19 -12.09 -12.68 -7.32
CA LEU B 19 -10.72 -12.49 -7.78
C LEU B 19 -10.59 -12.79 -9.27
N SER B 20 -11.27 -13.84 -9.74
CA SER B 20 -11.21 -14.19 -11.15
C SER B 20 -11.92 -13.16 -12.00
N GLU B 21 -13.10 -12.69 -11.55
CA GLU B 21 -13.80 -11.65 -12.29
C GLU B 21 -12.96 -10.39 -12.40
N LEU B 22 -12.29 -10.01 -11.30
CA LEU B 22 -11.38 -8.88 -11.36
C LEU B 22 -10.25 -9.14 -12.34
N THR B 23 -9.68 -10.34 -12.31
CA THR B 23 -8.57 -10.68 -13.20
C THR B 23 -9.00 -10.59 -14.66
N GLN B 24 -10.14 -11.19 -15.01
CA GLN B 24 -10.58 -11.19 -16.40
C GLN B 24 -10.99 -9.79 -16.87
N GLN B 25 -11.73 -9.05 -16.04
CA GLN B 25 -12.16 -7.72 -16.44
C GLN B 25 -10.98 -6.76 -16.58
N LEU B 26 -9.95 -6.92 -15.75
CA LEU B 26 -8.77 -6.07 -15.84
C LEU B 26 -7.89 -6.45 -17.03
N ALA B 27 -7.78 -7.75 -17.32
CA ALA B 27 -7.05 -8.17 -18.51
C ALA B 27 -7.67 -7.59 -19.78
N GLN B 28 -9.00 -7.63 -19.87
CA GLN B 28 -9.66 -7.06 -21.04
C GLN B 28 -9.54 -5.54 -21.07
N ALA B 29 -9.68 -4.88 -19.91
CA ALA B 29 -9.64 -3.42 -19.87
C ALA B 29 -8.24 -2.89 -20.17
N THR B 30 -7.22 -3.47 -19.54
CA THR B 30 -5.86 -3.02 -19.75
C THR B 30 -5.26 -3.56 -21.04
N GLY B 31 -5.89 -4.56 -21.65
CA GLY B 31 -5.31 -5.23 -22.80
C GLY B 31 -4.15 -6.13 -22.47
N LYS B 32 -3.84 -6.32 -21.19
CA LYS B 32 -2.75 -7.18 -20.78
C LYS B 32 -3.21 -8.62 -20.66
N PRO B 33 -2.31 -9.57 -20.91
CA PRO B 33 -2.62 -10.98 -20.70
C PRO B 33 -3.01 -11.21 -19.24
N PRO B 34 -4.09 -11.95 -18.98
CA PRO B 34 -4.50 -12.15 -17.58
C PRO B 34 -3.42 -12.78 -16.72
N GLN B 35 -2.53 -13.55 -17.34
CA GLN B 35 -1.37 -14.09 -16.63
C GLN B 35 -0.53 -12.99 -15.98
N TYR B 36 -0.57 -11.77 -16.54
CA TYR B 36 0.18 -10.65 -15.98
C TYR B 36 -0.55 -9.96 -14.84
N ILE B 37 -1.81 -10.28 -14.60
CA ILE B 37 -2.66 -9.52 -13.69
C ILE B 37 -2.58 -10.13 -12.30
N ALA B 38 -2.21 -9.32 -11.30
CA ALA B 38 -2.26 -9.68 -9.90
C ALA B 38 -3.37 -8.90 -9.22
N VAL B 39 -4.17 -9.58 -8.39
CA VAL B 39 -5.29 -8.94 -7.71
C VAL B 39 -5.24 -9.28 -6.23
N HIS B 40 -5.62 -8.33 -5.40
CA HIS B 40 -5.51 -8.48 -3.95
C HIS B 40 -6.71 -7.81 -3.31
N VAL B 41 -7.52 -8.58 -2.59
CA VAL B 41 -8.73 -8.09 -1.94
C VAL B 41 -8.52 -8.20 -0.43
N VAL B 42 -8.68 -7.07 0.26
CA VAL B 42 -8.49 -7.04 1.72
C VAL B 42 -9.81 -6.61 2.35
N PRO B 43 -10.65 -7.56 2.77
CA PRO B 43 -11.91 -7.19 3.43
C PRO B 43 -11.74 -6.99 4.93
N ASP B 44 -12.84 -6.61 5.58
CA ASP B 44 -12.93 -6.49 7.05
C ASP B 44 -11.97 -5.45 7.61
N GLN B 45 -11.74 -4.36 6.88
CA GLN B 45 -10.75 -3.37 7.30
C GLN B 45 -11.39 -2.27 8.13
N LEU B 46 -10.57 -1.66 8.99
CA LEU B 46 -10.99 -0.52 9.80
C LEU B 46 -10.76 0.73 8.96
N MET B 47 -11.83 1.22 8.32
CA MET B 47 -11.73 2.34 7.38
C MET B 47 -12.88 3.30 7.57
N ALA B 48 -12.64 4.54 7.15
CA ALA B 48 -13.67 5.56 7.07
C ALA B 48 -13.47 6.33 5.78
N PHE B 49 -14.58 6.72 5.17
CA PHE B 49 -14.60 7.53 3.97
C PHE B 49 -15.45 8.76 4.29
N GLY B 50 -14.83 9.93 4.34
CA GLY B 50 -15.54 11.12 4.76
C GLY B 50 -16.04 11.05 6.19
N GLY B 51 -15.32 10.35 7.06
CA GLY B 51 -15.74 10.20 8.44
C GLY B 51 -16.79 9.14 8.68
N SER B 52 -17.32 8.53 7.64
CA SER B 52 -18.39 7.53 7.75
C SER B 52 -17.83 6.13 7.53
N SER B 53 -18.37 5.16 8.28
CA SER B 53 -17.93 3.77 8.20
C SER B 53 -18.88 2.86 7.41
N GLU B 54 -19.73 3.44 6.56
CA GLU B 54 -20.46 2.76 5.49
C GLU B 54 -19.47 2.04 4.57
N PRO B 55 -19.91 0.98 3.87
CA PRO B 55 -19.02 0.25 2.96
C PRO B 55 -18.33 1.21 2.01
N CYS B 56 -17.02 1.10 1.96
CA CYS B 56 -16.18 1.96 1.15
C CYS B 56 -15.02 1.12 0.68
N ALA B 57 -14.24 1.68 -0.25
CA ALA B 57 -13.09 0.96 -0.77
C ALA B 57 -12.01 1.97 -1.13
N LEU B 58 -10.77 1.61 -0.82
CA LEU B 58 -9.60 2.32 -1.27
C LEU B 58 -8.79 1.34 -2.10
N CYS B 59 -8.50 1.72 -3.34
CA CYS B 59 -7.95 0.81 -4.34
C CYS B 59 -6.76 1.45 -5.01
N SER B 60 -5.96 0.62 -5.67
CA SER B 60 -4.85 1.11 -6.47
C SER B 60 -4.68 0.20 -7.67
N LEU B 61 -4.35 0.79 -8.81
CA LEU B 61 -4.00 0.05 -10.00
C LEU B 61 -2.62 0.50 -10.47
N HIS B 62 -1.67 -0.43 -10.48
CA HIS B 62 -0.33 -0.23 -11.02
C HIS B 62 -0.22 -0.98 -12.34
N SER B 63 0.28 -0.31 -13.36
CA SER B 63 0.48 -0.94 -14.66
C SER B 63 1.61 -0.24 -15.38
N ILE B 64 2.41 -1.02 -16.10
CA ILE B 64 3.44 -0.45 -16.97
C ILE B 64 2.74 0.01 -18.25
N GLY B 65 2.41 1.29 -18.31
CA GLY B 65 1.59 1.81 -19.38
C GLY B 65 0.12 1.48 -19.17
N LYS B 66 -0.67 1.83 -20.18
CA LYS B 66 -2.13 1.68 -20.15
C LYS B 66 -2.75 2.49 -19.01
N ILE B 67 -2.09 3.59 -18.65
CA ILE B 67 -2.56 4.54 -17.64
C ILE B 67 -2.60 5.91 -18.29
N GLY B 68 -3.69 6.63 -18.07
CA GLY B 68 -3.83 7.95 -18.67
C GLY B 68 -5.20 8.51 -18.39
N GLY B 69 -5.39 9.76 -18.81
CA GLY B 69 -6.62 10.46 -18.55
C GLY B 69 -7.87 9.69 -18.92
N ALA B 70 -7.98 9.34 -20.21
CA ALA B 70 -9.18 8.65 -20.68
C ALA B 70 -9.25 7.23 -20.15
N GLN B 71 -8.12 6.53 -20.10
CA GLN B 71 -8.12 5.14 -19.67
C GLN B 71 -8.52 5.02 -18.21
N ASN B 72 -8.01 5.91 -17.35
CA ASN B 72 -8.34 5.86 -15.93
C ASN B 72 -9.81 6.18 -15.70
N ARG B 73 -10.37 7.10 -16.50
CA ARG B 73 -11.80 7.33 -16.43
C ARG B 73 -12.57 6.06 -16.74
N SER B 74 -12.12 5.31 -17.76
CA SER B 74 -12.80 4.07 -18.13
C SER B 74 -12.58 2.99 -17.08
N TYR B 75 -11.36 2.89 -16.54
CA TYR B 75 -11.12 1.95 -15.45
C TYR B 75 -12.01 2.26 -14.25
N SER B 76 -12.19 3.55 -13.94
CA SER B 76 -12.93 3.92 -12.73
C SER B 76 -14.40 3.55 -12.87
N LYS B 77 -14.98 3.75 -14.05
CA LYS B 77 -16.35 3.30 -14.25
C LYS B 77 -16.45 1.79 -14.14
N LEU B 78 -15.49 1.08 -14.75
CA LEU B 78 -15.49 -0.38 -14.69
C LEU B 78 -15.33 -0.87 -13.25
N LEU B 79 -14.35 -0.34 -12.52
CA LEU B 79 -14.05 -0.87 -11.20
C LEU B 79 -15.12 -0.47 -10.19
N CYS B 80 -15.57 0.79 -10.23
CA CYS B 80 -16.68 1.19 -9.36
C CYS B 80 -17.92 0.35 -9.65
N GLY B 81 -18.16 0.04 -10.93
CA GLY B 81 -19.29 -0.79 -11.28
C GLY B 81 -19.21 -2.18 -10.67
N LEU B 82 -18.02 -2.77 -10.66
CA LEU B 82 -17.85 -4.10 -10.07
C LEU B 82 -18.01 -4.06 -8.56
N LEU B 83 -17.39 -3.06 -7.91
CA LEU B 83 -17.51 -2.95 -6.46
C LEU B 83 -18.95 -2.67 -6.06
N ALA B 84 -19.69 -1.92 -6.88
CA ALA B 84 -21.10 -1.70 -6.60
C ALA B 84 -21.89 -2.99 -6.78
N GLU B 85 -21.62 -3.73 -7.86
CA GLU B 85 -22.42 -4.92 -8.16
C GLU B 85 -22.09 -6.07 -7.21
N ARG B 86 -20.80 -6.30 -6.93
CA ARG B 86 -20.40 -7.49 -6.17
C ARG B 86 -20.26 -7.22 -4.67
N LEU B 87 -19.76 -6.04 -4.30
CA LEU B 87 -19.51 -5.73 -2.89
C LEU B 87 -20.51 -4.75 -2.32
N ARG B 88 -21.44 -4.25 -3.15
CA ARG B 88 -22.47 -3.31 -2.70
C ARG B 88 -21.84 -2.02 -2.14
N ILE B 89 -20.74 -1.59 -2.74
CA ILE B 89 -20.08 -0.34 -2.36
C ILE B 89 -20.49 0.75 -3.33
N SER B 90 -21.01 1.84 -2.78
CA SER B 90 -21.39 2.96 -3.62
C SER B 90 -20.17 3.56 -4.30
N PRO B 91 -20.24 3.89 -5.59
CA PRO B 91 -19.08 4.47 -6.27
C PRO B 91 -18.56 5.75 -5.63
N ASP B 92 -19.42 6.54 -4.99
CA ASP B 92 -18.96 7.77 -4.35
C ASP B 92 -18.26 7.51 -3.01
N ARG B 93 -18.07 6.25 -2.63
CA ARG B 93 -17.26 5.88 -1.48
C ARG B 93 -16.10 4.98 -1.91
N VAL B 94 -15.61 5.20 -3.12
CA VAL B 94 -14.49 4.46 -3.68
C VAL B 94 -13.43 5.44 -4.15
N TYR B 95 -12.18 5.21 -3.74
CA TYR B 95 -11.02 5.87 -4.34
C TYR B 95 -10.18 4.82 -5.03
N ILE B 96 -9.67 5.15 -6.21
CA ILE B 96 -8.74 4.30 -6.95
C ILE B 96 -7.55 5.16 -7.37
N ASN B 97 -6.38 4.86 -6.82
CA ASN B 97 -5.17 5.55 -7.25
C ASN B 97 -4.51 4.77 -8.39
N TYR B 98 -4.16 5.49 -9.46
CA TYR B 98 -3.57 4.90 -10.66
C TYR B 98 -2.08 5.23 -10.72
N TYR B 99 -1.27 4.24 -11.09
CA TYR B 99 0.17 4.40 -11.14
C TYR B 99 0.69 3.85 -12.45
N ASP B 100 1.26 4.71 -13.27
CA ASP B 100 1.96 4.31 -14.48
C ASP B 100 3.40 4.02 -14.09
N MET B 101 3.75 2.74 -14.03
CA MET B 101 5.06 2.33 -13.53
C MET B 101 6.08 2.28 -14.66
N ASN B 102 7.30 2.72 -14.35
CA ASN B 102 8.42 2.50 -15.25
C ASN B 102 8.83 1.04 -15.18
N ALA B 103 9.17 0.47 -16.34
CA ALA B 103 9.54 -0.95 -16.39
C ALA B 103 10.72 -1.25 -15.47
N ALA B 104 11.65 -0.30 -15.32
CA ALA B 104 12.80 -0.51 -14.45
C ALA B 104 12.41 -0.56 -12.97
N ASN B 105 11.21 -0.10 -12.61
CA ASN B 105 10.77 -0.05 -11.23
C ASN B 105 9.74 -1.13 -10.89
N VAL B 106 9.59 -2.13 -11.75
CA VAL B 106 8.73 -3.28 -11.48
C VAL B 106 9.59 -4.53 -11.48
N GLY B 107 9.75 -5.14 -10.31
CA GLY B 107 10.47 -6.38 -10.20
C GLY B 107 9.57 -7.58 -10.41
N TRP B 108 10.13 -8.62 -11.03
CA TRP B 108 9.43 -9.86 -11.31
C TRP B 108 10.44 -10.91 -11.73
N ASN B 109 10.34 -12.12 -11.18
CA ASN B 109 11.14 -13.26 -11.62
C ASN B 109 12.64 -12.96 -11.60
N ASN B 110 13.10 -12.46 -10.45
CA ASN B 110 14.50 -12.18 -10.14
C ASN B 110 15.10 -11.04 -10.95
N SER B 111 14.30 -10.27 -11.67
CA SER B 111 14.81 -9.15 -12.45
C SER B 111 13.71 -8.09 -12.52
N THR B 112 13.80 -7.19 -13.50
CA THR B 112 12.79 -6.19 -13.75
C THR B 112 12.38 -6.26 -15.21
N PHE B 113 11.32 -5.54 -15.54
CA PHE B 113 10.81 -5.58 -16.90
C PHE B 113 11.59 -4.68 -17.85
N ALA B 114 12.54 -3.91 -17.34
CA ALA B 114 13.29 -2.97 -18.16
C ALA B 114 14.07 -3.68 -19.27
N PRO C 1 -8.27 13.10 -0.19
CA PRO C 1 -7.01 12.51 0.29
C PRO C 1 -7.21 11.19 1.00
N MET C 2 -6.12 10.43 1.16
CA MET C 2 -6.20 9.10 1.72
C MET C 2 -5.03 8.90 2.67
N PHE C 3 -5.31 8.50 3.90
CA PHE C 3 -4.29 8.26 4.89
C PHE C 3 -4.39 6.84 5.40
N ILE C 4 -3.28 6.11 5.32
CA ILE C 4 -3.19 4.73 5.75
C ILE C 4 -2.12 4.65 6.84
N VAL C 5 -2.42 3.94 7.91
CA VAL C 5 -1.45 3.67 8.96
C VAL C 5 -1.45 2.17 9.22
N ASN C 6 -0.28 1.55 9.05
CA ASN C 6 -0.06 0.15 9.39
C ASN C 6 0.80 0.10 10.64
N THR C 7 0.39 -0.69 11.61
CA THR C 7 1.14 -0.73 12.87
C THR C 7 1.06 -2.12 13.50
N ASN C 8 2.07 -2.45 14.30
CA ASN C 8 2.04 -3.68 15.07
C ASN C 8 1.29 -3.53 16.39
N VAL C 9 0.84 -2.31 16.72
CA VAL C 9 0.06 -2.07 17.93
C VAL C 9 -1.24 -2.87 17.87
N PRO C 10 -1.65 -3.53 18.95
CA PRO C 10 -2.86 -4.36 18.87
C PRO C 10 -4.13 -3.54 18.73
N ARG C 11 -5.14 -4.16 18.11
CA ARG C 11 -6.38 -3.47 17.79
C ARG C 11 -7.04 -2.89 19.05
N ALA C 12 -6.94 -3.62 20.18
CA ALA C 12 -7.54 -3.16 21.42
C ALA C 12 -6.96 -1.83 21.89
N SER C 13 -5.73 -1.53 21.48
N SER C 13 -5.72 -1.52 21.51
CA SER C 13 -5.05 -0.30 21.87
CA SER C 13 -5.12 -0.27 21.93
C SER C 13 -5.35 0.87 20.95
C SER C 13 -5.60 0.92 21.12
N VAL C 14 -6.23 0.70 19.97
CA VAL C 14 -6.70 1.80 19.14
C VAL C 14 -7.95 2.37 19.82
N PRO C 15 -7.92 3.62 20.26
CA PRO C 15 -9.05 4.17 21.02
C PRO C 15 -10.25 4.44 20.14
N ASP C 16 -11.42 4.46 20.80
CA ASP C 16 -12.63 4.92 20.14
C ASP C 16 -12.40 6.30 19.52
N GLY C 17 -12.96 6.51 18.33
CA GLY C 17 -12.84 7.81 17.69
C GLY C 17 -11.54 8.09 17.00
N PHE C 18 -10.66 7.08 16.86
CA PHE C 18 -9.37 7.32 16.23
C PHE C 18 -9.54 7.68 14.75
N LEU C 19 -10.40 6.94 14.03
CA LEU C 19 -10.64 7.26 12.63
C LEU C 19 -11.21 8.67 12.47
N SER C 20 -12.10 9.06 13.39
CA SER C 20 -12.70 10.39 13.31
C SER C 20 -11.68 11.49 13.60
N GLU C 21 -10.86 11.33 14.63
CA GLU C 21 -9.84 12.33 14.91
C GLU C 21 -8.86 12.49 13.75
N LEU C 22 -8.46 11.38 13.14
CA LEU C 22 -7.58 11.46 11.98
C LEU C 22 -8.26 12.23 10.85
N THR C 23 -9.54 11.96 10.60
CA THR C 23 -10.26 12.66 9.55
C THR C 23 -10.30 14.15 9.82
N GLN C 24 -10.64 14.54 11.05
CA GLN C 24 -10.74 15.96 11.37
C GLN C 24 -9.38 16.64 11.30
N GLN C 25 -8.34 16.01 11.85
CA GLN C 25 -7.04 16.67 11.84
C GLN C 25 -6.44 16.73 10.45
N LEU C 26 -6.71 15.73 9.61
CA LEU C 26 -6.18 15.75 8.24
C LEU C 26 -6.93 16.76 7.38
N ALA C 27 -8.24 16.88 7.59
CA ALA C 27 -9.00 17.90 6.87
C ALA C 27 -8.47 19.29 7.19
N GLN C 28 -8.22 19.55 8.48
CA GLN C 28 -7.70 20.86 8.89
C GLN C 28 -6.28 21.08 8.39
N ALA C 29 -5.44 20.04 8.45
CA ALA C 29 -4.05 20.19 8.03
C ALA C 29 -3.93 20.37 6.52
N THR C 30 -4.65 19.55 5.75
CA THR C 30 -4.57 19.63 4.29
C THR C 30 -5.43 20.75 3.71
N GLY C 31 -6.36 21.29 4.49
CA GLY C 31 -7.33 22.20 3.93
C GLY C 31 -8.40 21.54 3.09
N LYS C 32 -8.38 20.21 3.00
CA LYS C 32 -9.42 19.52 2.24
C LYS C 32 -10.65 19.29 3.14
N PRO C 33 -11.84 19.31 2.56
CA PRO C 33 -13.05 18.99 3.34
C PRO C 33 -12.96 17.60 3.92
N PRO C 34 -13.32 17.40 5.18
CA PRO C 34 -13.23 16.05 5.77
C PRO C 34 -14.02 15.02 5.00
N GLN C 35 -14.89 15.53 4.30
CA GLN C 35 -15.72 14.71 3.43
C GLN C 35 -14.93 14.00 2.35
N TYR C 36 -13.84 14.52 1.97
CA TYR C 36 -12.93 13.94 0.99
C TYR C 36 -11.85 13.08 1.62
N ILE C 37 -11.73 13.10 2.94
CA ILE C 37 -10.65 12.40 3.64
C ILE C 37 -11.06 10.94 3.85
N ALA C 38 -10.25 10.01 3.35
CA ALA C 38 -10.39 8.60 3.65
C ALA C 38 -9.23 8.16 4.53
N VAL C 39 -9.54 7.39 5.57
CA VAL C 39 -8.55 6.95 6.55
C VAL C 39 -8.66 5.44 6.73
N HIS C 40 -7.51 4.80 6.93
CA HIS C 40 -7.44 3.35 6.99
C HIS C 40 -6.38 2.98 8.02
N VAL C 41 -6.80 2.27 9.08
CA VAL C 41 -5.91 1.87 10.18
C VAL C 41 -5.82 0.36 10.18
N VAL C 42 -4.58 -0.15 10.15
CA VAL C 42 -4.31 -1.57 10.08
C VAL C 42 -3.48 -1.96 11.30
N PRO C 43 -4.14 -2.43 12.39
CA PRO C 43 -3.39 -2.86 13.58
C PRO C 43 -2.93 -4.30 13.52
N ASP C 44 -2.19 -4.74 14.53
CA ASP C 44 -1.80 -6.14 14.70
C ASP C 44 -0.93 -6.65 13.56
N GLN C 45 -0.08 -5.81 13.00
CA GLN C 45 0.71 -6.22 11.84
C GLN C 45 2.05 -6.82 12.27
N LEU C 46 2.58 -7.69 11.42
CA LEU C 46 3.91 -8.29 11.61
C LEU C 46 4.91 -7.34 10.97
N MET C 47 5.48 -6.46 11.79
CA MET C 47 6.36 -5.41 11.30
C MET C 47 7.55 -5.28 12.24
N ALA C 48 8.64 -4.75 11.69
CA ALA C 48 9.82 -4.40 12.46
C ALA C 48 10.37 -3.08 11.94
N PHE C 49 10.94 -2.30 12.86
CA PHE C 49 11.58 -1.03 12.56
C PHE C 49 12.99 -1.12 13.13
N GLY C 50 13.99 -1.15 12.25
CA GLY C 50 15.36 -1.39 12.68
C GLY C 50 15.61 -2.75 13.28
N GLY C 51 14.87 -3.76 12.84
CA GLY C 51 15.00 -5.09 13.39
C GLY C 51 14.25 -5.32 14.69
N SER C 52 13.65 -4.28 15.25
CA SER C 52 12.94 -4.38 16.52
C SER C 52 11.44 -4.36 16.28
N SER C 53 10.71 -5.16 17.05
CA SER C 53 9.26 -5.24 16.97
C SER C 53 8.56 -4.45 18.07
N GLU C 54 9.26 -3.50 18.69
CA GLU C 54 8.61 -2.50 19.52
C GLU C 54 7.60 -1.71 18.67
N PRO C 55 6.63 -1.05 19.29
CA PRO C 55 5.61 -0.30 18.53
C PRO C 55 6.21 0.61 17.47
N CYS C 56 5.69 0.47 16.25
CA CYS C 56 6.13 1.27 15.12
C CYS C 56 4.94 1.46 14.17
N ALA C 57 5.11 2.34 13.19
CA ALA C 57 4.04 2.61 12.25
C ALA C 57 4.62 2.97 10.89
N LEU C 58 3.99 2.45 9.85
CA LEU C 58 4.29 2.82 8.47
C LEU C 58 3.02 3.38 7.85
N CYS C 59 3.11 4.58 7.31
CA CYS C 59 1.94 5.34 6.90
C CYS C 59 2.14 5.91 5.51
N SER C 60 1.04 6.29 4.89
CA SER C 60 1.08 7.00 3.61
C SER C 60 -0.04 8.02 3.57
N LEU C 61 0.25 9.17 2.99
CA LEU C 61 -0.76 10.19 2.72
C LEU C 61 -0.73 10.50 1.23
N HIS C 62 -1.84 10.23 0.55
CA HIS C 62 -2.04 10.60 -0.85
C HIS C 62 -2.98 11.77 -0.91
N SER C 63 -2.62 12.79 -1.69
CA SER C 63 -3.50 13.95 -1.81
C SER C 63 -3.26 14.57 -3.18
N ILE C 64 -4.32 15.10 -3.79
CA ILE C 64 -4.19 15.89 -5.01
C ILE C 64 -3.76 17.29 -4.60
N GLY C 65 -2.46 17.58 -4.70
CA GLY C 65 -1.94 18.82 -4.18
C GLY C 65 -1.85 18.78 -2.67
N LYS C 66 -1.51 19.94 -2.10
CA LYS C 66 -1.30 20.09 -0.66
C LYS C 66 -0.16 19.20 -0.16
N ILE C 67 0.80 18.92 -1.05
CA ILE C 67 1.99 18.16 -0.73
C ILE C 67 3.20 18.99 -1.10
N GLY C 68 4.17 19.07 -0.20
CA GLY C 68 5.37 19.85 -0.46
C GLY C 68 6.23 19.85 0.78
N GLY C 69 7.42 20.45 0.62
CA GLY C 69 8.43 20.46 1.67
C GLY C 69 7.91 20.90 3.03
N ALA C 70 7.38 22.12 3.10
CA ALA C 70 6.92 22.66 4.38
C ALA C 70 5.64 21.95 4.86
N GLN C 71 4.72 21.65 3.94
CA GLN C 71 3.47 21.03 4.36
C GLN C 71 3.71 19.64 4.91
N ASN C 72 4.60 18.87 4.28
CA ASN C 72 4.88 17.52 4.75
C ASN C 72 5.57 17.54 6.11
N ARG C 73 6.44 18.53 6.35
CA ARG C 73 7.02 18.66 7.69
C ARG C 73 5.94 18.91 8.73
N SER C 74 4.95 19.73 8.38
CA SER C 74 3.85 20.00 9.30
C SER C 74 2.96 18.77 9.46
N TYR C 75 2.71 18.04 8.37
CA TYR C 75 1.95 16.80 8.46
C TYR C 75 2.65 15.79 9.36
N SER C 76 3.98 15.68 9.27
CA SER C 76 4.68 14.65 10.02
C SER C 76 4.66 14.95 11.50
N LYS C 77 4.82 16.21 11.89
CA LYS C 77 4.71 16.56 13.29
C LYS C 77 3.31 16.28 13.81
N LEU C 78 2.30 16.65 13.02
CA LEU C 78 0.92 16.43 13.42
C LEU C 78 0.63 14.94 13.60
N LEU C 79 0.99 14.13 12.61
CA LEU C 79 0.62 12.72 12.63
C LEU C 79 1.43 11.93 13.65
N CYS C 80 2.74 12.19 13.74
CA CYS C 80 3.54 11.54 14.77
C CYS C 80 3.04 11.87 16.16
N GLY C 81 2.60 13.11 16.38
CA GLY C 81 2.02 13.47 17.66
C GLY C 81 0.78 12.66 17.97
N LEU C 82 -0.06 12.42 16.95
CA LEU C 82 -1.27 11.63 17.16
C LEU C 82 -0.96 10.18 17.44
N LEU C 83 -0.03 9.60 16.67
CA LEU C 83 0.34 8.21 16.91
C LEU C 83 1.03 8.03 18.25
N ALA C 84 1.81 9.02 18.68
CA ALA C 84 2.44 8.95 19.99
C ALA C 84 1.40 9.05 21.09
N GLU C 85 0.46 9.98 20.96
CA GLU C 85 -0.53 10.20 22.01
C GLU C 85 -1.59 9.10 22.04
N ARG C 86 -2.06 8.66 20.88
CA ARG C 86 -3.17 7.72 20.84
C ARG C 86 -2.72 6.27 20.82
N LEU C 87 -1.63 5.97 20.12
CA LEU C 87 -1.16 4.60 19.97
C LEU C 87 0.11 4.30 20.75
N ARG C 88 0.70 5.30 21.44
CA ARG C 88 1.94 5.11 22.22
C ARG C 88 3.09 4.66 21.33
N ILE C 89 3.15 5.18 20.11
CA ILE C 89 4.24 4.89 19.18
C ILE C 89 5.23 6.05 19.22
N SER C 90 6.50 5.74 19.44
CA SER C 90 7.51 6.80 19.42
C SER C 90 7.63 7.38 18.01
N PRO C 91 7.71 8.70 17.89
CA PRO C 91 7.84 9.31 16.56
C PRO C 91 9.05 8.82 15.77
N ASP C 92 10.15 8.45 16.44
CA ASP C 92 11.32 7.96 15.73
C ASP C 92 11.17 6.53 15.22
N ARG C 93 9.99 5.92 15.40
CA ARG C 93 9.68 4.62 14.81
C ARG C 93 8.47 4.72 13.90
N VAL C 94 8.30 5.87 13.25
CA VAL C 94 7.20 6.12 12.33
C VAL C 94 7.78 6.59 11.00
N TYR C 95 7.33 5.98 9.90
CA TYR C 95 7.58 6.47 8.56
C TYR C 95 6.25 6.88 7.93
N ILE C 96 6.26 8.01 7.23
CA ILE C 96 5.09 8.50 6.49
C ILE C 96 5.57 8.86 5.09
N ASN C 97 5.04 8.16 4.08
CA ASN C 97 5.34 8.48 2.69
C ASN C 97 4.25 9.39 2.14
N TYR C 98 4.67 10.48 1.50
CA TYR C 98 3.74 11.49 0.95
C TYR C 98 3.68 11.38 -0.57
N TYR C 99 2.47 11.48 -1.11
CA TYR C 99 2.22 11.35 -2.54
C TYR C 99 1.32 12.49 -3.01
N ASP C 100 1.86 13.34 -3.89
CA ASP C 100 1.08 14.36 -4.59
C ASP C 100 0.53 13.72 -5.85
N MET C 101 -0.77 13.42 -5.87
CA MET C 101 -1.38 12.72 -6.98
C MET C 101 -1.89 13.69 -8.02
N ASN C 102 -1.71 13.34 -9.29
CA ASN C 102 -2.36 14.08 -10.36
C ASN C 102 -3.85 13.74 -10.37
N ALA C 103 -4.68 14.75 -10.64
CA ALA C 103 -6.12 14.51 -10.61
C ALA C 103 -6.53 13.40 -11.56
N ALA C 104 -5.83 13.26 -12.69
CA ALA C 104 -6.14 12.21 -13.67
C ALA C 104 -5.86 10.81 -13.15
N ASN C 105 -5.09 10.68 -12.06
CA ASN C 105 -4.71 9.40 -11.50
C ASN C 105 -5.47 9.06 -10.21
N VAL C 106 -6.54 9.77 -9.92
CA VAL C 106 -7.40 9.46 -8.77
C VAL C 106 -8.81 9.21 -9.28
N GLY C 107 -9.25 7.96 -9.20
CA GLY C 107 -10.60 7.61 -9.57
C GLY C 107 -11.55 7.72 -8.39
N TRP C 108 -12.78 8.11 -8.68
CA TRP C 108 -13.83 8.24 -7.68
C TRP C 108 -15.19 8.38 -8.35
N ASN C 109 -16.17 7.62 -7.89
CA ASN C 109 -17.55 7.76 -8.36
C ASN C 109 -17.63 7.63 -9.88
N ASN C 110 -17.06 6.54 -10.40
CA ASN C 110 -17.09 6.14 -11.81
C ASN C 110 -16.30 7.07 -12.73
N SER C 111 -15.48 7.97 -12.20
CA SER C 111 -14.66 8.84 -13.05
C SER C 111 -13.38 9.18 -12.29
N THR C 112 -12.70 10.24 -12.74
CA THR C 112 -11.51 10.75 -12.07
C THR C 112 -11.67 12.24 -11.85
N PHE C 113 -10.74 12.82 -11.09
CA PHE C 113 -10.83 14.24 -10.75
C PHE C 113 -10.27 15.16 -11.83
N ALA C 114 -9.72 14.60 -12.91
CA ALA C 114 -9.16 15.42 -13.98
C ALA C 114 -10.25 16.29 -14.59
CL CL D . 21.14 1.77 -10.75
CL CL E . 8.74 11.20 -4.05
C1 MYC F . 18.19 7.90 9.64
C2 MYC F . 17.61 7.44 8.46
C3 MYC F . 17.99 8.01 7.21
C4 MYC F . 18.94 8.99 7.18
C5 MYC F . 19.53 9.45 8.39
C6 MYC F . 19.16 8.90 9.61
C9 MYC F . 17.39 7.54 5.96
C10 MYC F . 17.99 7.93 4.70
C11 MYC F . 19.31 8.67 4.75
C14 MYC F . 19.49 9.48 3.50
C15 MYC F . 20.51 9.13 2.63
C16 MYC F . 20.71 9.86 1.47
C17 MYC F . 19.88 10.93 1.19
C18 MYC F . 18.86 11.28 2.07
C19 MYC F . 18.67 10.55 3.22
O12 MYC F . 19.38 9.61 5.89
O13 MYC F . 16.37 6.58 5.93
O23 MYC F . 18.02 12.36 1.78
O24 MYC F . 20.08 11.66 0.02
O25 MYC F . 21.73 9.50 0.59
O27 MYC F . 17.45 7.49 3.50
O29 MYC F . 19.74 9.36 10.80
O30 MYC F . 16.65 6.44 8.52
CL CL G . 7.86 4.32 -11.77
CL CL H . 2.36 -4.13 -15.53
C1 MYC I . 5.21 -11.00 -17.85
C2 MYC I . 4.59 -9.85 -17.37
C3 MYC I . 4.69 -8.62 -18.09
C4 MYC I . 5.40 -8.61 -19.26
C5 MYC I . 6.03 -9.78 -19.75
C6 MYC I . 5.92 -10.97 -19.05
C9 MYC I . 4.05 -7.39 -17.60
C10 MYC I . 4.06 -6.23 -18.45
C11 MYC I . 4.45 -6.40 -19.90
C14 MYC I . 4.92 -5.10 -20.49
C15 MYC I . 4.20 -4.53 -21.51
C16 MYC I . 4.62 -3.34 -22.08
C17 MYC I . 5.78 -2.73 -21.62
C18 MYC I . 6.51 -3.32 -20.60
C19 MYC I . 6.09 -4.50 -20.03
O12 MYC I . 5.54 -7.36 -20.07
O13 MYC I . 3.26 -7.38 -16.46
O23 MYC I . 7.68 -2.69 -20.16
O24 MYC I . 6.21 -1.53 -22.20
O25 MYC I . 3.86 -2.77 -23.11
O27 MYC I . 3.46 -5.05 -18.03
O29 MYC I . 6.55 -12.12 -19.55
O30 MYC I . 3.89 -9.94 -16.16
CL CL J . -7.28 14.51 -2.76
CL CL K . 4.70 23.04 1.02
CL CL L . -14.25 8.84 23.44
CL CL M . 0.21 11.03 -10.00
#